data_4RWO
#
_entry.id   4RWO
#
_cell.length_a   73.100
_cell.length_b   73.100
_cell.length_c   208.420
_cell.angle_alpha   90.00
_cell.angle_beta   90.00
_cell.angle_gamma   90.00
#
_symmetry.space_group_name_H-M   'P 43 21 2'
#
loop_
_entity.id
_entity.type
_entity.pdbx_description
1 polymer "RNA (5'-R(*GP*GP*CP*UP*UP*UP*UP*GP*AP*CP*CP*UP*UP*UP*AP*UP*GP*AP*A)-3')"
2 polymer "RNA (5'-R(*UP*UP*CP*AP*UP*AP*AP*AP*GP*GP*UP*CP*AP*AP*AP*AP*GP*CP*C)-3')"
3 polymer "2'-5'-oligoadenylate synthase 1"
4 non-polymer 'MAGNESIUM ION'
5 non-polymer 'DIPHOSPHOMETHYLPHOSPHONIC ACID ADENOSYL ESTER'
6 water water
#
loop_
_entity_poly.entity_id
_entity_poly.type
_entity_poly.pdbx_seq_one_letter_code
_entity_poly.pdbx_strand_id
1 'polyribonucleotide' GGCUUUUGACCUUUAUGAA B
2 'polyribonucleotide' UUCAUAAAGGUCAAAAGCC C
3 'polypeptide(L)'
;MELRHTPARDLDKFIEDHLLPNTCFRTQVKEAIDIVCRFLKERCFQGTADPVRVSKVVKGGSSGKGTTLRGRSDADLVVF
LTKLTSFEDQLRRRGEFIQEIRRQLEACQREQKFKVTFEVQSPRRENPRALSFVLSSPQLQQEVEFDVRPAFDALGQWTP
GYKPNPEIYVQLIKECKSRGKEGEFSTCFTELQRDFLRNRPTKLKSLIRLVKHWYQTCKKTHGNKLPPQYALELLTVYAW
EQGSRKTDFSTAQGFQTVLELVLKHQKLCIFWEAYYDFTNPVVGRCMLQQLKKPRPVILDPADPTGNVGGGDTHSWQRLA
QEARVWLGYPCCKNLDGSLVGAWTMLQKIGSHHHHHH
;
A
#
loop_
_chem_comp.id
_chem_comp.type
_chem_comp.name
_chem_comp.formula
A RNA linking ADENOSINE-5'-MONOPHOSPHATE 'C10 H14 N5 O7 P'
APC non-polymer 'DIPHOSPHOMETHYLPHOSPHONIC ACID ADENOSYL ESTER' 'C11 H18 N5 O12 P3'
C RNA linking CYTIDINE-5'-MONOPHOSPHATE 'C9 H14 N3 O8 P'
G RNA linking GUANOSINE-5'-MONOPHOSPHATE 'C10 H14 N5 O8 P'
MG non-polymer 'MAGNESIUM ION' 'Mg 2'
U RNA linking URIDINE-5'-MONOPHOSPHATE 'C9 H13 N2 O9 P'
#
# COMPACT_ATOMS: atom_id res chain seq x y z
N MET C 1 -15.35 16.65 -15.08
CA MET C 1 -14.16 17.22 -15.68
C MET C 1 -12.97 16.36 -15.37
N GLU C 2 -12.29 15.92 -16.41
CA GLU C 2 -11.14 15.07 -16.28
C GLU C 2 -9.93 15.79 -15.74
N LEU C 3 -9.06 15.04 -15.08
CA LEU C 3 -7.87 15.58 -14.49
C LEU C 3 -7.04 16.13 -15.59
N ARG C 4 -7.11 15.47 -16.72
CA ARG C 4 -6.34 15.76 -17.89
C ARG C 4 -6.63 17.17 -18.37
N HIS C 5 -7.83 17.67 -18.19
CA HIS C 5 -8.14 19.05 -18.56
C HIS C 5 -8.16 20.08 -17.46
N THR C 6 -7.91 19.67 -16.24
CA THR C 6 -7.98 20.56 -15.11
C THR C 6 -6.73 21.38 -15.01
N PRO C 7 -6.83 22.68 -14.92
CA PRO C 7 -5.61 23.49 -14.75
C PRO C 7 -5.06 23.43 -13.33
N ALA C 8 -3.88 24.01 -13.12
CA ALA C 8 -3.19 23.94 -11.83
C ALA C 8 -4.00 24.50 -10.68
N ARG C 9 -4.71 25.59 -10.93
CA ARG C 9 -5.42 26.30 -9.86
C ARG C 9 -6.70 25.59 -9.41
N ASP C 10 -7.09 24.54 -10.13
CA ASP C 10 -8.33 23.81 -9.83
C ASP C 10 -8.06 22.37 -9.37
N LEU C 11 -6.80 22.02 -9.16
CA LEU C 11 -6.45 20.67 -8.73
C LEU C 11 -7.01 20.38 -7.34
N ASP C 12 -6.96 21.36 -6.44
CA ASP C 12 -7.50 21.18 -5.11
C ASP C 12 -9.01 21.03 -5.14
N LYS C 13 -9.67 21.69 -6.08
CA LYS C 13 -11.10 21.54 -6.27
C LYS C 13 -11.41 20.16 -6.83
N PHE C 14 -10.57 19.69 -7.76
CA PHE C 14 -10.73 18.38 -8.35
C PHE C 14 -10.61 17.29 -7.29
N ILE C 15 -9.60 17.41 -6.44
CA ILE C 15 -9.40 16.47 -5.34
C ILE C 15 -10.64 16.45 -4.44
N GLU C 16 -11.16 17.64 -4.15
CA GLU C 16 -12.32 17.80 -3.28
C GLU C 16 -13.56 17.13 -3.87
N ASP C 17 -13.74 17.26 -5.18
CA ASP C 17 -14.98 16.86 -5.84
C ASP C 17 -15.04 15.37 -6.20
N HIS C 18 -13.89 14.73 -6.37
CA HIS C 18 -13.84 13.36 -6.91
C HIS C 18 -13.06 12.38 -6.03
N LEU C 19 -11.99 12.85 -5.40
CA LEU C 19 -11.04 11.94 -4.76
C LEU C 19 -11.25 11.78 -3.26
N LEU C 20 -11.52 12.87 -2.55
CA LEU C 20 -11.69 12.78 -1.10
C LEU C 20 -12.93 11.96 -0.74
N PRO C 21 -12.84 11.15 0.33
CA PRO C 21 -14.02 10.36 0.70
C PRO C 21 -15.16 11.21 1.23
N ASN C 22 -16.39 10.84 0.92
CA ASN C 22 -17.56 11.49 1.53
C ASN C 22 -18.01 10.69 2.74
N THR C 23 -19.01 11.20 3.45
CA THR C 23 -19.46 10.59 4.69
C THR C 23 -19.98 9.16 4.47
N CYS C 24 -20.82 8.99 3.45
CA CYS C 24 -21.46 7.70 3.18
C CYS C 24 -20.44 6.61 2.86
N PHE C 25 -19.50 6.90 1.97
CA PHE C 25 -18.53 5.90 1.53
C PHE C 25 -17.70 5.36 2.69
N ARG C 26 -17.05 6.25 3.43
CA ARG C 26 -16.17 5.83 4.52
C ARG C 26 -16.96 5.21 5.67
N THR C 27 -18.26 5.51 5.74
CA THR C 27 -19.12 4.92 6.76
C THR C 27 -19.49 3.49 6.39
N GLN C 28 -19.81 3.26 5.12
CA GLN C 28 -20.21 1.94 4.64
C GLN C 28 -19.04 0.96 4.66
N VAL C 29 -17.84 1.45 4.37
CA VAL C 29 -16.64 0.61 4.39
C VAL C 29 -16.34 0.16 5.81
N LYS C 30 -16.39 1.09 6.76
CA LYS C 30 -16.11 0.78 8.15
C LYS C 30 -17.17 -0.17 8.72
N GLU C 31 -18.37 -0.16 8.13
CA GLU C 31 -19.40 -1.12 8.49
C GLU C 31 -19.06 -2.48 7.92
N ALA C 32 -18.53 -2.50 6.70
CA ALA C 32 -18.15 -3.74 6.04
C ALA C 32 -16.96 -4.38 6.76
N ILE C 33 -16.00 -3.55 7.17
CA ILE C 33 -14.83 -4.03 7.91
C ILE C 33 -15.26 -4.65 9.24
N ASP C 34 -16.26 -4.03 9.86
CA ASP C 34 -16.79 -4.53 11.12
C ASP C 34 -17.40 -5.92 10.95
N ILE C 35 -18.12 -6.11 9.86
CA ILE C 35 -18.74 -7.40 9.56
C ILE C 35 -17.68 -8.49 9.43
N VAL C 36 -16.63 -8.21 8.67
CA VAL C 36 -15.58 -9.19 8.43
C VAL C 36 -14.76 -9.43 9.70
N CYS C 37 -14.55 -8.37 10.48
CA CYS C 37 -13.78 -8.48 11.72
C CYS C 37 -14.51 -9.37 12.73
N ARG C 38 -15.78 -9.05 13.00
CA ARG C 38 -16.60 -9.87 13.89
C ARG C 38 -16.59 -11.33 13.45
N PHE C 39 -16.71 -11.56 12.15
CA PHE C 39 -16.71 -12.90 11.60
C PHE C 39 -15.41 -13.64 11.92
N LEU C 40 -14.29 -12.96 11.77
CA LEU C 40 -12.98 -13.56 12.01
C LEU C 40 -12.75 -13.80 13.51
N LYS C 41 -13.36 -12.96 14.33
CA LYS C 41 -13.13 -12.99 15.77
C LYS C 41 -14.16 -13.84 16.54
N GLU C 42 -15.33 -13.97 15.96
CA GLU C 42 -16.47 -14.53 16.64
C GLU C 42 -16.98 -15.80 15.99
N ARG C 43 -16.49 -16.13 14.82
CA ARG C 43 -17.04 -17.22 14.06
C ARG C 43 -16.05 -18.12 13.39
N CYS C 44 -15.11 -17.53 12.70
CA CYS C 44 -14.34 -18.22 11.71
C CYS C 44 -13.54 -19.38 12.26
N PHE C 45 -13.02 -19.24 13.46
CA PHE C 45 -12.21 -20.29 14.04
C PHE C 45 -12.76 -20.90 15.34
N GLN C 46 -14.00 -20.61 15.66
CA GLN C 46 -14.65 -21.14 16.86
C GLN C 46 -14.91 -22.64 16.73
N GLY C 47 -14.71 -23.16 15.53
CA GLY C 47 -14.90 -24.57 15.31
C GLY C 47 -13.67 -25.43 15.46
N THR C 48 -12.51 -24.85 15.59
CA THR C 48 -11.28 -25.64 15.63
C THR C 48 -11.03 -26.29 16.98
N ALA C 49 -10.80 -27.59 16.99
CA ALA C 49 -10.59 -28.29 18.24
C ALA C 49 -9.26 -27.88 18.86
N ASP C 50 -8.26 -27.68 18.01
CA ASP C 50 -7.00 -27.06 18.40
C ASP C 50 -7.17 -25.57 18.16
N PRO C 51 -7.37 -24.80 19.19
CA PRO C 51 -7.78 -23.40 19.00
C PRO C 51 -6.85 -22.53 18.15
N VAL C 52 -7.39 -21.98 17.08
CA VAL C 52 -6.73 -20.97 16.30
C VAL C 52 -7.22 -19.64 16.79
N ARG C 53 -6.31 -18.82 17.27
CA ARG C 53 -6.71 -17.54 17.78
C ARG C 53 -6.24 -16.40 16.89
N VAL C 54 -7.05 -15.37 16.77
CA VAL C 54 -6.71 -14.18 16.03
C VAL C 54 -6.29 -13.13 17.01
N SER C 55 -5.03 -12.76 17.00
CA SER C 55 -4.54 -11.76 17.92
C SER C 55 -4.93 -10.37 17.50
N LYS C 56 -5.01 -10.13 16.20
CA LYS C 56 -5.43 -8.83 15.72
C LYS C 56 -5.74 -8.82 14.24
N VAL C 57 -6.70 -8.01 13.87
CA VAL C 57 -7.02 -7.76 12.48
C VAL C 57 -6.63 -6.33 12.21
N VAL C 58 -5.60 -6.15 11.43
CA VAL C 58 -5.08 -4.84 11.19
C VAL C 58 -5.62 -4.27 9.90
N LYS C 59 -6.21 -3.11 9.99
CA LYS C 59 -6.66 -2.41 8.82
C LYS C 59 -5.48 -1.72 8.21
N GLY C 60 -5.01 -2.24 7.09
CA GLY C 60 -3.91 -1.64 6.40
C GLY C 60 -4.30 -0.97 5.11
N GLY C 61 -3.36 -0.77 4.23
CA GLY C 61 -3.66 -0.16 2.95
C GLY C 61 -4.06 1.28 3.04
N SER C 62 -4.70 1.77 2.00
CA SER C 62 -5.15 3.15 1.99
C SER C 62 -6.13 3.46 3.09
N SER C 63 -6.93 2.49 3.48
CA SER C 63 -7.88 2.68 4.55
C SER C 63 -7.25 3.03 5.88
N GLY C 64 -6.11 2.42 6.20
CA GLY C 64 -5.44 2.69 7.45
C GLY C 64 -4.61 3.94 7.44
N LYS C 65 -4.26 4.37 6.24
CA LYS C 65 -3.40 5.51 6.02
C LYS C 65 -4.18 6.80 5.89
N GLY C 66 -5.43 6.72 5.54
CA GLY C 66 -6.21 7.90 5.26
C GLY C 66 -5.94 8.51 3.90
N THR C 67 -5.56 7.69 2.93
CA THR C 67 -5.34 8.12 1.55
C THR C 67 -6.26 7.45 0.53
N THR C 68 -7.45 7.05 0.95
CA THR C 68 -8.39 6.37 0.08
C THR C 68 -8.98 7.26 -0.98
N LEU C 69 -9.31 6.66 -2.12
CA LEU C 69 -10.00 7.36 -3.19
C LEU C 69 -11.46 7.03 -3.06
N ARG C 70 -12.29 8.02 -3.26
CA ARG C 70 -13.69 7.82 -3.01
C ARG C 70 -14.25 6.85 -4.00
N GLY C 71 -14.88 5.83 -3.46
CA GLY C 71 -15.58 4.83 -4.20
C GLY C 71 -14.67 3.94 -4.98
N ARG C 72 -13.41 3.87 -4.61
CA ARG C 72 -12.47 3.09 -5.36
C ARG C 72 -11.46 2.40 -4.49
N SER C 73 -11.44 2.70 -3.23
CA SER C 73 -10.40 2.15 -2.42
C SER C 73 -10.91 0.89 -1.78
N ASP C 74 -10.15 -0.18 -1.91
CA ASP C 74 -10.50 -1.41 -1.28
C ASP C 74 -10.22 -1.41 0.20
N ALA C 75 -10.64 -2.46 0.86
CA ALA C 75 -10.34 -2.64 2.24
C ALA C 75 -9.28 -3.72 2.34
N ASP C 76 -8.16 -3.39 2.98
CA ASP C 76 -7.04 -4.31 3.11
C ASP C 76 -6.90 -4.74 4.55
N LEU C 77 -7.10 -6.03 4.81
CA LEU C 77 -6.97 -6.54 6.15
C LEU C 77 -5.93 -7.61 6.28
N VAL C 78 -5.16 -7.50 7.36
CA VAL C 78 -4.17 -8.47 7.69
C VAL C 78 -4.63 -9.09 8.98
N VAL C 79 -4.84 -10.38 8.94
CA VAL C 79 -5.31 -11.08 10.10
C VAL C 79 -4.15 -11.84 10.72
N PHE C 80 -3.87 -11.54 11.97
CA PHE C 80 -2.74 -12.14 12.62
C PHE C 80 -3.14 -13.36 13.44
N LEU C 81 -2.55 -14.50 13.13
CA LEU C 81 -2.90 -15.76 13.75
C LEU C 81 -1.85 -16.29 14.73
N THR C 82 -2.30 -16.60 15.93
CA THR C 82 -1.42 -17.08 16.95
C THR C 82 -0.65 -18.34 16.58
N LYS C 83 -1.20 -19.15 15.70
CA LYS C 83 -0.55 -20.38 15.40
C LYS C 83 0.52 -20.30 14.31
N LEU C 84 0.62 -19.19 13.60
CA LEU C 84 1.73 -18.98 12.71
C LEU C 84 2.85 -18.46 13.57
N THR C 85 4.00 -19.07 13.52
CA THR C 85 5.00 -18.84 14.55
C THR C 85 6.27 -18.24 14.03
N SER C 86 6.33 -17.98 12.74
CA SER C 86 7.51 -17.43 12.17
C SER C 86 7.34 -17.21 10.71
N PHE C 87 8.26 -16.51 10.11
CA PHE C 87 8.21 -16.25 8.71
C PHE C 87 8.15 -17.52 7.89
N GLU C 88 9.01 -18.48 8.21
CA GLU C 88 9.02 -19.79 7.58
C GLU C 88 7.62 -20.36 7.59
N ASP C 89 7.02 -20.38 8.77
CA ASP C 89 5.70 -20.94 8.94
C ASP C 89 4.68 -20.23 8.07
N GLN C 90 4.60 -18.92 8.17
CA GLN C 90 3.63 -18.16 7.40
C GLN C 90 3.70 -18.46 5.92
N LEU C 91 4.90 -18.68 5.45
CA LEU C 91 5.11 -18.87 4.05
C LEU C 91 4.59 -20.21 3.62
N ARG C 92 4.58 -21.18 4.52
CA ARG C 92 4.22 -22.52 4.13
C ARG C 92 2.78 -22.85 4.44
N ARG C 93 2.22 -22.22 5.47
CA ARG C 93 0.89 -22.54 5.90
C ARG C 93 -0.16 -21.50 5.54
N ARG C 94 0.22 -20.45 4.83
CA ARG C 94 -0.74 -19.41 4.50
C ARG C 94 -1.84 -19.93 3.62
N GLY C 95 -1.49 -20.87 2.76
CA GLY C 95 -2.44 -21.47 1.88
C GLY C 95 -3.60 -22.13 2.59
N GLU C 96 -3.28 -22.89 3.62
CA GLU C 96 -4.28 -23.58 4.36
C GLU C 96 -5.27 -22.63 4.96
N PHE C 97 -4.79 -21.62 5.68
CA PHE C 97 -5.69 -20.74 6.38
C PHE C 97 -6.59 -19.94 5.45
N ILE C 98 -6.12 -19.70 4.25
CA ILE C 98 -6.91 -19.01 3.24
C ILE C 98 -8.07 -19.90 2.86
N GLN C 99 -7.75 -21.10 2.42
CA GLN C 99 -8.79 -22.02 2.06
C GLN C 99 -9.78 -22.20 3.18
N GLU C 100 -9.31 -22.29 4.41
CA GLU C 100 -10.24 -22.51 5.50
C GLU C 100 -11.10 -21.30 5.73
N ILE C 101 -10.51 -20.12 5.60
CA ILE C 101 -11.29 -18.91 5.76
C ILE C 101 -12.36 -18.83 4.68
N ARG C 102 -12.02 -19.27 3.48
CA ARG C 102 -12.97 -19.30 2.39
C ARG C 102 -14.18 -20.16 2.75
N ARG C 103 -13.94 -21.35 3.29
CA ARG C 103 -15.00 -22.27 3.61
C ARG C 103 -15.96 -21.71 4.61
N GLN C 104 -15.45 -21.08 5.63
CA GLN C 104 -16.31 -20.59 6.69
C GLN C 104 -17.11 -19.42 6.21
N LEU C 105 -16.55 -18.66 5.30
CA LEU C 105 -17.26 -17.55 4.73
C LEU C 105 -18.41 -18.10 3.92
N GLU C 106 -18.11 -19.12 3.15
CA GLU C 106 -19.14 -19.79 2.42
C GLU C 106 -20.25 -20.24 3.36
N ALA C 107 -19.89 -20.91 4.44
CA ALA C 107 -20.87 -21.40 5.37
C ALA C 107 -21.67 -20.31 6.02
N CYS C 108 -21.19 -19.09 6.00
CA CYS C 108 -21.97 -17.98 6.52
C CYS C 108 -22.95 -17.54 5.46
N GLN C 109 -22.49 -17.52 4.22
CA GLN C 109 -23.31 -17.11 3.10
C GLN C 109 -24.46 -18.10 3.03
N ARG C 110 -24.15 -19.36 3.23
CA ARG C 110 -25.12 -20.40 3.05
C ARG C 110 -26.19 -20.17 4.05
N GLU C 111 -25.88 -19.34 5.04
CA GLU C 111 -26.77 -19.13 6.17
C GLU C 111 -27.59 -17.88 5.97
N GLN C 112 -27.24 -17.11 4.95
CA GLN C 112 -27.97 -15.92 4.62
C GLN C 112 -27.62 -14.75 5.53
N LYS C 113 -26.37 -14.69 5.98
CA LYS C 113 -25.95 -13.57 6.78
C LYS C 113 -25.30 -12.48 5.94
N PHE C 114 -24.67 -12.87 4.83
CA PHE C 114 -24.12 -11.94 3.86
C PHE C 114 -23.77 -12.72 2.60
N LYS C 115 -23.29 -12.02 1.57
CA LYS C 115 -22.97 -12.66 0.31
C LYS C 115 -21.54 -12.34 -0.12
N VAL C 116 -20.80 -13.35 -0.56
CA VAL C 116 -19.43 -13.11 -0.95
C VAL C 116 -19.15 -13.65 -2.30
N THR C 117 -18.41 -12.88 -3.06
CA THR C 117 -18.03 -13.27 -4.39
C THR C 117 -16.53 -13.26 -4.51
N PHE C 118 -15.94 -14.42 -4.72
CA PHE C 118 -14.52 -14.50 -4.93
C PHE C 118 -14.22 -14.30 -6.38
N GLU C 119 -12.98 -14.56 -6.77
CA GLU C 119 -12.63 -14.60 -8.19
C GLU C 119 -11.48 -15.52 -8.41
N VAL C 120 -11.75 -16.66 -9.03
CA VAL C 120 -10.70 -17.62 -9.32
C VAL C 120 -9.64 -16.99 -10.22
N GLN C 121 -8.38 -17.19 -9.84
CA GLN C 121 -7.24 -16.65 -10.58
C GLN C 121 -6.29 -17.77 -10.96
N SER C 122 -6.12 -17.98 -12.26
CA SER C 122 -5.34 -19.09 -12.79
C SER C 122 -4.21 -18.61 -13.70
N PRO C 123 -3.12 -19.37 -13.76
CA PRO C 123 -2.94 -20.55 -12.91
C PRO C 123 -2.68 -20.18 -11.46
N ARG C 124 -3.02 -21.07 -10.54
CA ARG C 124 -2.83 -20.79 -9.11
C ARG C 124 -1.35 -20.58 -8.83
N ARG C 125 -0.51 -21.40 -9.44
CA ARG C 125 0.94 -21.23 -9.32
C ARG C 125 1.37 -21.26 -7.84
N GLU C 126 2.16 -20.28 -7.40
CA GLU C 126 2.61 -20.24 -6.00
C GLU C 126 1.42 -20.04 -5.07
N ASN C 127 1.49 -20.63 -3.89
CA ASN C 127 0.41 -20.50 -2.93
C ASN C 127 -0.08 -19.09 -2.97
N PRO C 128 -1.37 -18.94 -2.77
CA PRO C 128 -1.96 -17.60 -2.76
C PRO C 128 -1.43 -16.76 -1.62
N ARG C 129 -1.27 -15.48 -1.87
CA ARG C 129 -0.82 -14.54 -0.85
C ARG C 129 -2.00 -13.86 -0.18
N ALA C 130 -3.17 -13.98 -0.78
CA ALA C 130 -4.33 -13.32 -0.26
C ALA C 130 -5.62 -13.91 -0.75
N LEU C 131 -6.68 -13.59 -0.05
CA LEU C 131 -8.00 -13.99 -0.42
C LEU C 131 -8.74 -12.73 -0.73
N SER C 132 -9.19 -12.60 -1.96
CA SER C 132 -9.94 -11.42 -2.33
C SER C 132 -11.35 -11.78 -2.68
N PHE C 133 -12.26 -10.90 -2.34
CA PHE C 133 -13.65 -11.13 -2.58
C PHE C 133 -14.47 -9.88 -2.43
N VAL C 134 -15.69 -9.89 -2.92
CA VAL C 134 -16.58 -8.78 -2.72
C VAL C 134 -17.68 -9.17 -1.77
N LEU C 135 -18.05 -8.24 -0.92
CA LEU C 135 -19.01 -8.48 0.12
C LEU C 135 -20.29 -7.70 -0.06
N SER C 136 -21.41 -8.36 0.15
CA SER C 136 -22.68 -7.70 0.03
C SER C 136 -23.58 -8.06 1.21
N SER C 137 -24.17 -7.07 1.86
CA SER C 137 -24.98 -7.33 3.02
C SER C 137 -26.22 -6.47 3.04
N PRO C 138 -27.31 -7.03 3.53
CA PRO C 138 -28.59 -6.36 3.52
C PRO C 138 -28.40 -5.13 4.36
N GLN C 139 -27.45 -5.27 5.26
CA GLN C 139 -27.10 -4.24 6.18
C GLN C 139 -26.53 -3.03 5.47
N LEU C 140 -25.72 -3.29 4.46
CA LEU C 140 -24.95 -2.25 3.81
C LEU C 140 -25.67 -1.62 2.65
N GLN C 141 -25.35 -0.36 2.40
CA GLN C 141 -25.94 0.33 1.27
C GLN C 141 -25.18 0.08 -0.01
N GLN C 142 -24.01 -0.54 0.08
CA GLN C 142 -23.19 -0.78 -1.10
C GLN C 142 -22.22 -1.93 -0.88
N GLU C 143 -21.59 -2.38 -1.96
CA GLU C 143 -20.64 -3.47 -1.85
C GLU C 143 -19.24 -2.99 -1.60
N VAL C 144 -18.46 -3.81 -0.92
CA VAL C 144 -17.11 -3.45 -0.58
C VAL C 144 -16.20 -4.56 -1.00
N GLU C 145 -15.08 -4.24 -1.65
CA GLU C 145 -14.12 -5.26 -2.05
C GLU C 145 -13.05 -5.46 -0.98
N PHE C 146 -12.60 -6.70 -0.82
CA PHE C 146 -11.71 -7.02 0.27
C PHE C 146 -10.45 -7.69 -0.18
N ASP C 147 -9.47 -7.71 0.70
CA ASP C 147 -8.20 -8.36 0.50
C ASP C 147 -7.78 -8.85 1.85
N VAL C 148 -7.76 -10.16 2.05
CA VAL C 148 -7.45 -10.69 3.36
C VAL C 148 -6.20 -11.55 3.36
N ARG C 149 -5.27 -11.22 4.25
CA ARG C 149 -4.03 -11.96 4.36
C ARG C 149 -3.73 -12.41 5.78
N PRO C 150 -3.44 -13.69 5.95
CA PRO C 150 -3.00 -14.19 7.25
C PRO C 150 -1.52 -13.91 7.42
N ALA C 151 -1.09 -13.63 8.64
CA ALA C 151 0.29 -13.30 8.87
C ALA C 151 0.84 -13.65 10.24
N PHE C 152 2.14 -13.82 10.30
CA PHE C 152 2.85 -14.04 11.54
C PHE C 152 3.08 -12.68 12.14
N ASP C 153 2.76 -12.52 13.41
CA ASP C 153 2.89 -11.26 14.08
C ASP C 153 4.30 -11.00 14.56
N ALA C 154 5.11 -10.43 13.71
CA ALA C 154 6.50 -10.32 13.98
C ALA C 154 6.75 -9.26 15.01
N LEU C 155 5.85 -8.29 15.06
CA LEU C 155 6.09 -7.13 15.88
C LEU C 155 5.57 -7.27 17.27
N GLY C 156 4.65 -8.19 17.49
CA GLY C 156 3.97 -8.30 18.75
C GLY C 156 3.10 -7.09 18.94
N GLN C 157 2.70 -6.79 20.16
CA GLN C 157 1.98 -5.57 20.41
C GLN C 157 2.88 -4.42 20.15
N TRP C 158 2.60 -3.66 19.12
CA TRP C 158 3.49 -2.62 18.71
C TRP C 158 2.87 -1.29 18.93
N THR C 159 3.64 -0.36 19.50
CA THR C 159 3.18 1.01 19.71
C THR C 159 3.78 1.99 18.73
N PRO C 160 2.94 2.66 17.98
CA PRO C 160 3.43 3.63 17.02
C PRO C 160 4.43 4.55 17.66
N GLY C 161 5.53 4.81 16.97
CA GLY C 161 6.60 5.63 17.50
C GLY C 161 7.91 4.94 17.74
N TYR C 162 7.90 3.64 17.99
CA TYR C 162 9.08 2.92 18.41
C TYR C 162 9.70 2.11 17.29
N LYS C 163 11.02 2.05 17.24
CA LYS C 163 11.69 1.26 16.26
C LYS C 163 11.63 -0.16 16.71
N PRO C 164 11.24 -1.06 15.82
CA PRO C 164 11.16 -2.49 16.18
C PRO C 164 12.53 -3.09 16.51
N ASN C 165 12.59 -3.97 17.50
CA ASN C 165 13.82 -4.66 17.85
C ASN C 165 14.55 -5.13 16.62
N PRO C 166 15.79 -4.78 16.43
CA PRO C 166 16.49 -5.16 15.21
C PRO C 166 16.53 -6.66 15.01
N GLU C 167 16.53 -7.44 16.06
CA GLU C 167 16.61 -8.88 15.93
C GLU C 167 15.44 -9.48 15.14
N ILE C 168 14.37 -8.74 15.02
CA ILE C 168 13.27 -9.16 14.22
C ILE C 168 13.63 -9.12 12.75
N TYR C 169 14.31 -8.07 12.34
CA TYR C 169 14.78 -7.92 10.99
C TYR C 169 15.97 -8.84 10.73
N VAL C 170 16.75 -9.11 11.76
CA VAL C 170 17.82 -10.07 11.64
C VAL C 170 17.23 -11.38 11.19
N GLN C 171 16.16 -11.77 11.82
CA GLN C 171 15.48 -13.00 11.51
C GLN C 171 14.81 -12.95 10.16
N LEU C 172 14.30 -11.79 9.80
CA LEU C 172 13.64 -11.65 8.53
C LEU C 172 14.62 -11.91 7.42
N ILE C 173 15.76 -11.26 7.52
CA ILE C 173 16.78 -11.32 6.51
C ILE C 173 17.34 -12.72 6.39
N LYS C 174 17.37 -13.44 7.49
CA LYS C 174 17.92 -14.76 7.52
C LYS C 174 17.10 -15.71 6.70
N GLU C 175 15.79 -15.63 6.84
CA GLU C 175 14.89 -16.47 6.08
C GLU C 175 14.82 -16.06 4.63
N CYS C 176 14.84 -14.78 4.36
CA CYS C 176 14.76 -14.31 3.00
C CYS C 176 15.94 -14.72 2.18
N LYS C 177 17.13 -14.61 2.75
CA LYS C 177 18.37 -14.90 2.04
C LYS C 177 18.55 -16.40 1.86
N SER C 178 17.81 -17.18 2.64
CA SER C 178 17.90 -18.61 2.57
C SER C 178 16.89 -19.18 1.58
N ARG C 179 15.69 -18.62 1.54
CA ARG C 179 14.69 -19.11 0.63
C ARG C 179 14.66 -18.34 -0.68
N GLY C 180 15.54 -17.39 -0.84
CA GLY C 180 15.53 -16.58 -2.03
C GLY C 180 14.27 -15.76 -2.20
N LYS C 181 13.78 -15.17 -1.12
CA LYS C 181 12.67 -14.25 -1.23
C LYS C 181 13.12 -12.85 -0.87
N GLU C 182 12.34 -11.86 -1.22
CA GLU C 182 12.70 -10.47 -0.97
C GLU C 182 11.39 -9.77 -0.97
N GLY C 183 10.99 -9.22 0.16
CA GLY C 183 9.78 -8.43 0.20
C GLY C 183 8.53 -9.24 0.36
N GLU C 184 8.68 -10.52 0.60
CA GLU C 184 7.55 -11.41 0.67
C GLU C 184 6.82 -11.34 1.98
N PHE C 185 7.43 -10.77 2.99
CA PHE C 185 6.81 -10.71 4.28
C PHE C 185 6.46 -9.32 4.72
N SER C 186 6.26 -8.43 3.79
CA SER C 186 5.95 -7.05 4.14
C SER C 186 4.64 -6.94 4.90
N THR C 187 3.75 -7.89 4.71
CA THR C 187 2.49 -7.86 5.41
C THR C 187 2.63 -7.94 6.92
N CYS C 188 3.64 -8.62 7.42
CA CYS C 188 3.84 -8.68 8.86
C CYS C 188 4.13 -7.33 9.43
N PHE C 189 4.62 -6.42 8.61
CA PHE C 189 4.96 -5.11 9.06
C PHE C 189 3.99 -4.04 8.59
N THR C 190 2.76 -4.44 8.35
CA THR C 190 1.77 -3.54 7.82
C THR C 190 1.60 -2.32 8.71
N GLU C 191 1.71 -2.51 10.00
CA GLU C 191 1.47 -1.45 10.94
C GLU C 191 2.50 -0.37 10.82
N LEU C 192 3.70 -0.71 10.40
CA LEU C 192 4.72 0.27 10.17
C LEU C 192 4.46 1.04 8.91
N GLN C 193 4.00 0.35 7.89
CA GLN C 193 3.62 0.97 6.66
C GLN C 193 2.49 1.94 6.89
N ARG C 194 1.52 1.57 7.71
CA ARG C 194 0.44 2.46 8.11
C ARG C 194 0.93 3.67 8.90
N ASP C 195 1.87 3.43 9.82
CA ASP C 195 2.44 4.49 10.62
C ASP C 195 3.27 5.51 9.83
N PHE C 196 3.81 5.11 8.70
CA PHE C 196 4.64 5.95 7.91
C PHE C 196 3.86 7.08 7.27
N LEU C 197 2.55 6.94 7.18
CA LEU C 197 1.74 7.92 6.48
C LEU C 197 0.62 8.52 7.29
N ARG C 198 0.17 7.81 8.28
CA ARG C 198 -1.00 8.16 9.03
C ARG C 198 -0.95 9.55 9.63
N ASN C 199 0.19 9.96 10.12
CA ASN C 199 0.34 11.22 10.76
C ASN C 199 0.86 12.34 9.88
N ARG C 200 0.98 12.13 8.58
CA ARG C 200 1.47 13.18 7.70
C ARG C 200 0.48 14.31 7.54
N PRO C 201 0.94 15.47 7.06
CA PRO C 201 0.06 16.63 6.93
C PRO C 201 -1.10 16.37 5.94
N THR C 202 -2.28 16.89 6.27
CA THR C 202 -3.46 16.68 5.47
C THR C 202 -3.28 16.88 3.98
N LYS C 203 -2.69 17.98 3.56
CA LYS C 203 -2.51 18.25 2.16
C LYS C 203 -1.58 17.29 1.44
N LEU C 204 -0.63 16.70 2.15
CA LEU C 204 0.20 15.68 1.59
C LEU C 204 -0.59 14.43 1.25
N LYS C 205 -1.49 14.03 2.14
CA LYS C 205 -2.37 12.93 1.89
C LYS C 205 -3.22 13.22 0.67
N SER C 206 -3.57 14.47 0.48
CA SER C 206 -4.37 14.88 -0.63
C SER C 206 -3.60 14.82 -1.93
N LEU C 207 -2.33 15.14 -1.89
CA LEU C 207 -1.49 15.02 -3.05
C LEU C 207 -1.28 13.55 -3.41
N ILE C 208 -1.11 12.71 -2.42
CA ILE C 208 -0.94 11.29 -2.64
C ILE C 208 -2.15 10.74 -3.35
N ARG C 209 -3.33 11.19 -2.98
CA ARG C 209 -4.53 10.81 -3.67
C ARG C 209 -4.49 11.19 -5.13
N LEU C 210 -4.16 12.43 -5.40
CA LEU C 210 -3.98 12.88 -6.75
C LEU C 210 -2.99 12.05 -7.57
N VAL C 211 -1.87 11.66 -6.97
CA VAL C 211 -0.87 10.88 -7.66
C VAL C 211 -1.39 9.48 -7.90
N LYS C 212 -2.11 8.93 -6.97
CA LYS C 212 -2.73 7.65 -7.12
C LYS C 212 -3.75 7.63 -8.25
N HIS C 213 -4.56 8.68 -8.34
CA HIS C 213 -5.51 8.79 -9.39
C HIS C 213 -4.84 8.91 -10.74
N TRP C 214 -3.75 9.63 -10.82
CA TRP C 214 -3.01 9.74 -12.06
C TRP C 214 -2.46 8.40 -12.46
N TYR C 215 -1.99 7.65 -11.50
CA TYR C 215 -1.43 6.36 -11.76
C TYR C 215 -2.47 5.38 -12.22
N GLN C 216 -3.63 5.38 -11.61
CA GLN C 216 -4.71 4.53 -12.06
C GLN C 216 -5.14 4.89 -13.47
N THR C 217 -5.09 6.16 -13.83
CA THR C 217 -5.47 6.59 -15.15
C THR C 217 -4.47 6.06 -16.17
N CYS C 218 -3.21 6.02 -15.81
CA CYS C 218 -2.20 5.43 -16.63
C CYS C 218 -2.43 3.95 -16.87
N LYS C 219 -2.89 3.25 -15.87
CA LYS C 219 -3.07 1.82 -16.00
C LYS C 219 -4.06 1.46 -17.09
N LYS C 220 -5.00 2.33 -17.40
CA LYS C 220 -5.92 2.08 -18.47
C LYS C 220 -5.23 1.81 -19.79
N THR C 221 -4.14 2.51 -20.01
CA THR C 221 -3.34 2.38 -21.20
C THR C 221 -2.26 1.30 -21.16
N HIS C 222 -1.80 0.95 -19.97
CA HIS C 222 -0.65 0.09 -19.83
C HIS C 222 -0.96 -1.13 -19.02
N GLY C 223 -2.20 -1.28 -18.63
CA GLY C 223 -2.59 -2.45 -17.91
C GLY C 223 -1.77 -2.60 -16.68
N ASN C 224 -1.13 -3.74 -16.54
CA ASN C 224 -0.42 -4.08 -15.34
C ASN C 224 1.06 -4.08 -15.49
N LYS C 225 1.55 -3.30 -16.44
CA LYS C 225 2.95 -3.28 -16.72
C LYS C 225 3.66 -2.09 -16.09
N LEU C 226 3.07 -1.48 -15.11
CA LEU C 226 3.64 -0.32 -14.44
C LEU C 226 4.30 -0.70 -13.13
N PRO C 227 5.10 0.18 -12.59
CA PRO C 227 5.69 -0.07 -11.29
C PRO C 227 4.62 -0.07 -10.24
N PRO C 228 4.91 -0.63 -9.07
CA PRO C 228 3.92 -0.74 -8.00
C PRO C 228 3.43 0.63 -7.53
N GLN C 229 2.13 0.72 -7.28
CA GLN C 229 1.52 1.94 -6.81
C GLN C 229 2.19 2.48 -5.54
N TYR C 230 2.59 1.60 -4.67
CA TYR C 230 3.25 1.98 -3.45
C TYR C 230 4.55 2.72 -3.70
N ALA C 231 5.22 2.43 -4.80
CA ALA C 231 6.39 3.15 -5.17
C ALA C 231 6.11 4.62 -5.37
N LEU C 232 5.00 4.94 -6.00
CA LEU C 232 4.67 6.32 -6.26
C LEU C 232 4.22 7.04 -5.00
N GLU C 233 3.58 6.34 -4.12
CA GLU C 233 3.20 6.87 -2.87
C GLU C 233 4.42 7.28 -2.09
N LEU C 234 5.42 6.41 -2.03
CA LEU C 234 6.65 6.69 -1.35
C LEU C 234 7.42 7.79 -2.06
N LEU C 235 7.30 7.85 -3.36
CA LEU C 235 7.96 8.86 -4.11
C LEU C 235 7.40 10.26 -3.83
N THR C 236 6.12 10.35 -3.57
CA THR C 236 5.48 11.57 -3.19
C THR C 236 5.91 12.06 -1.82
N VAL C 237 6.02 11.14 -0.88
CA VAL C 237 6.55 11.46 0.42
C VAL C 237 7.96 11.98 0.34
N TYR C 238 8.78 11.34 -0.46
CA TYR C 238 10.13 11.80 -0.67
C TYR C 238 10.18 13.20 -1.24
N ALA C 239 9.33 13.50 -2.21
CA ALA C 239 9.28 14.81 -2.80
C ALA C 239 8.96 15.89 -1.78
N TRP C 240 7.97 15.66 -0.94
CA TRP C 240 7.58 16.60 0.06
C TRP C 240 8.66 16.81 1.12
N GLU C 241 9.30 15.74 1.53
CA GLU C 241 10.30 15.79 2.56
C GLU C 241 11.57 16.54 2.14
N GLN C 242 11.87 16.55 0.86
CA GLN C 242 13.04 17.19 0.36
C GLN C 242 12.76 18.52 -0.31
N GLY C 243 11.52 18.80 -0.62
CA GLY C 243 11.21 20.01 -1.34
C GLY C 243 10.25 20.96 -0.68
N SER C 244 9.60 20.54 0.40
CA SER C 244 8.67 21.40 1.10
C SER C 244 8.75 21.31 2.62
N ARG C 245 8.29 20.22 3.17
CA ARG C 245 8.18 20.05 4.61
C ARG C 245 7.21 21.00 5.22
N LYS C 246 6.28 21.50 4.45
CA LYS C 246 5.29 22.42 4.96
C LYS C 246 3.87 21.91 4.84
N THR C 247 3.03 22.34 5.75
CA THR C 247 1.64 21.97 5.75
C THR C 247 0.94 22.54 4.56
N ASP C 248 1.35 23.71 4.13
CA ASP C 248 0.72 24.33 2.99
C ASP C 248 1.72 24.47 1.89
N PHE C 249 1.32 24.12 0.69
CA PHE C 249 2.21 24.15 -0.43
C PHE C 249 1.31 24.07 -1.60
N SER C 250 1.83 24.31 -2.77
CA SER C 250 1.03 24.20 -3.96
C SER C 250 0.93 22.77 -4.40
N THR C 251 -0.28 22.33 -4.67
CA THR C 251 -0.52 21.00 -5.20
C THR C 251 0.08 20.78 -6.57
N ALA C 252 0.02 21.79 -7.42
CA ALA C 252 0.57 21.65 -8.74
C ALA C 252 2.07 21.49 -8.74
N GLN C 253 2.76 22.26 -7.92
CA GLN C 253 4.19 22.14 -7.79
C GLN C 253 4.55 20.76 -7.27
N GLY C 254 3.74 20.25 -6.39
CA GLY C 254 3.91 18.91 -5.91
C GLY C 254 3.72 17.89 -7.00
N PHE C 255 2.65 18.03 -7.75
CA PHE C 255 2.36 17.15 -8.83
C PHE C 255 3.48 17.14 -9.85
N GLN C 256 3.94 18.31 -10.24
CA GLN C 256 5.02 18.43 -11.16
C GLN C 256 6.30 17.81 -10.65
N THR C 257 6.62 18.03 -9.39
CA THR C 257 7.80 17.46 -8.81
C THR C 257 7.82 15.95 -8.93
N VAL C 258 6.70 15.32 -8.69
CA VAL C 258 6.60 13.88 -8.75
C VAL C 258 6.77 13.38 -10.18
N LEU C 259 6.07 13.98 -11.12
CA LEU C 259 6.24 13.66 -12.50
C LEU C 259 7.68 13.82 -12.97
N GLU C 260 8.39 14.81 -12.48
CA GLU C 260 9.76 14.97 -12.83
C GLU C 260 10.68 13.92 -12.22
N LEU C 261 10.34 13.43 -11.05
CA LEU C 261 11.14 12.44 -10.40
C LEU C 261 11.02 11.13 -11.14
N VAL C 262 9.86 10.86 -11.70
CA VAL C 262 9.65 9.71 -12.54
C VAL C 262 10.60 9.70 -13.75
N LEU C 263 10.73 10.84 -14.41
CA LEU C 263 11.65 10.96 -15.51
C LEU C 263 13.08 10.78 -15.10
N LYS C 264 13.39 10.97 -13.83
CA LYS C 264 14.74 10.79 -13.34
C LYS C 264 14.92 9.47 -12.62
N HIS C 265 14.10 8.49 -12.95
CA HIS C 265 14.14 7.22 -12.28
C HIS C 265 15.52 6.53 -12.31
N GLN C 266 16.34 6.82 -13.29
CA GLN C 266 17.63 6.18 -13.37
C GLN C 266 18.60 6.72 -12.35
N LYS C 267 18.22 7.74 -11.62
CA LYS C 267 19.05 8.27 -10.57
C LYS C 267 18.42 8.15 -9.18
N LEU C 268 17.26 7.55 -9.08
CA LEU C 268 16.60 7.42 -7.81
C LEU C 268 17.12 6.31 -6.93
N CYS C 269 17.62 6.68 -5.77
CA CYS C 269 18.02 5.77 -4.72
C CYS C 269 17.53 6.33 -3.40
N ILE C 270 16.35 5.91 -3.00
CA ILE C 270 15.64 6.49 -1.90
C ILE C 270 15.45 5.47 -0.83
N PHE C 271 15.64 5.88 0.41
CA PHE C 271 15.42 5.05 1.57
C PHE C 271 15.26 5.86 2.85
N TRP C 272 14.74 5.23 3.89
CA TRP C 272 14.48 5.89 5.14
C TRP C 272 15.01 5.07 6.29
N GLU C 273 15.20 5.73 7.42
CA GLU C 273 15.71 5.06 8.59
C GLU C 273 14.71 5.18 9.71
N ALA C 274 13.46 5.10 9.36
CA ALA C 274 12.41 5.27 10.30
C ALA C 274 12.19 4.08 11.20
N TYR C 275 12.57 2.89 10.75
CA TYR C 275 12.32 1.70 11.51
C TYR C 275 13.51 0.77 11.60
N TYR C 276 14.53 1.03 10.82
CA TYR C 276 15.77 0.31 10.92
C TYR C 276 16.87 1.28 10.58
N ASP C 277 18.10 0.90 10.80
CA ASP C 277 19.23 1.74 10.48
C ASP C 277 20.46 0.89 10.39
N PHE C 278 21.59 1.48 10.12
CA PHE C 278 22.79 0.72 9.87
C PHE C 278 23.48 0.22 11.11
N THR C 279 22.89 0.48 12.25
CA THR C 279 23.48 0.13 13.51
C THR C 279 23.80 -1.34 13.56
N ASN C 280 22.78 -2.17 13.56
CA ASN C 280 22.99 -3.62 13.57
C ASN C 280 23.66 -4.01 12.31
N PRO C 281 24.74 -4.79 12.41
CA PRO C 281 25.57 -5.08 11.23
C PRO C 281 24.81 -5.81 10.13
N VAL C 282 23.97 -6.76 10.52
CA VAL C 282 23.27 -7.60 9.59
C VAL C 282 22.23 -6.80 8.82
N VAL C 283 21.46 -6.01 9.52
CA VAL C 283 20.50 -5.15 8.89
C VAL C 283 21.18 -4.14 8.01
N GLY C 284 22.29 -3.64 8.49
CA GLY C 284 23.07 -2.69 7.75
C GLY C 284 23.63 -3.23 6.46
N ARG C 285 24.06 -4.48 6.47
CA ARG C 285 24.61 -5.08 5.30
C ARG C 285 23.54 -5.32 4.24
N CYS C 286 22.33 -5.64 4.67
CA CYS C 286 21.25 -5.84 3.76
C CYS C 286 20.76 -4.54 3.13
N MET C 287 20.76 -3.45 3.88
CA MET C 287 20.37 -2.17 3.34
C MET C 287 21.33 -1.76 2.27
N LEU C 288 22.60 -1.92 2.56
CA LEU C 288 23.66 -1.51 1.67
C LEU C 288 23.63 -2.29 0.37
N GLN C 289 23.30 -3.55 0.45
CA GLN C 289 23.12 -4.38 -0.72
C GLN C 289 22.01 -3.87 -1.61
N GLN C 290 20.87 -3.52 -1.04
CA GLN C 290 19.75 -3.01 -1.78
C GLN C 290 20.06 -1.70 -2.50
N LEU C 291 20.91 -0.90 -1.91
CA LEU C 291 21.24 0.38 -2.44
C LEU C 291 22.28 0.30 -3.51
N LYS C 292 22.76 -0.89 -3.79
CA LYS C 292 23.71 -1.13 -4.85
C LYS C 292 23.06 -1.78 -6.05
N LYS C 293 21.77 -1.93 -6.02
CA LYS C 293 21.04 -2.48 -7.11
C LYS C 293 20.85 -1.45 -8.20
N PRO C 294 20.48 -1.91 -9.40
CA PRO C 294 20.22 -0.97 -10.50
C PRO C 294 19.02 -0.06 -10.17
N ARG C 295 19.13 1.22 -10.53
CA ARG C 295 18.08 2.19 -10.25
C ARG C 295 16.84 2.00 -11.12
N PRO C 296 15.69 2.35 -10.59
CA PRO C 296 15.56 3.05 -9.32
C PRO C 296 15.34 2.12 -8.13
N VAL C 297 15.90 2.51 -7.00
CA VAL C 297 15.76 1.83 -5.76
C VAL C 297 14.88 2.65 -4.86
N ILE C 298 13.80 2.07 -4.41
CA ILE C 298 12.94 2.72 -3.47
C ILE C 298 12.67 1.76 -2.33
N LEU C 299 13.39 1.92 -1.24
CA LEU C 299 13.37 0.97 -0.16
C LEU C 299 12.19 1.14 0.79
N ASP C 300 11.43 0.08 0.98
CA ASP C 300 10.30 0.11 1.84
C ASP C 300 10.73 0.43 3.24
N PRO C 301 10.19 1.50 3.81
CA PRO C 301 10.61 1.95 5.13
C PRO C 301 10.32 0.90 6.16
N ALA C 302 9.35 0.05 5.91
CA ALA C 302 9.00 -0.97 6.85
C ALA C 302 9.81 -2.25 6.68
N ASP C 303 10.39 -2.45 5.52
CA ASP C 303 10.97 -3.71 5.16
C ASP C 303 12.27 -3.49 4.42
N PRO C 304 13.39 -3.79 5.04
CA PRO C 304 14.68 -3.58 4.43
C PRO C 304 15.03 -4.56 3.30
N THR C 305 14.29 -5.63 3.16
CA THR C 305 14.49 -6.50 2.04
C THR C 305 13.67 -6.09 0.85
N GLY C 306 12.82 -5.09 1.03
CA GLY C 306 11.85 -4.73 0.03
C GLY C 306 12.11 -3.52 -0.82
N ASN C 307 12.61 -3.73 -2.02
CA ASN C 307 12.76 -2.69 -3.02
C ASN C 307 11.51 -2.52 -3.83
N VAL C 308 10.70 -1.56 -3.45
CA VAL C 308 9.44 -1.25 -4.05
C VAL C 308 9.62 -0.79 -5.49
N GLY C 309 10.84 -0.52 -5.85
CA GLY C 309 11.20 -0.17 -7.20
C GLY C 309 10.72 -1.22 -8.18
N GLY C 310 10.68 -2.46 -7.77
CA GLY C 310 10.15 -3.52 -8.61
C GLY C 310 11.16 -4.25 -9.47
N GLY C 311 12.30 -3.64 -9.68
CA GLY C 311 13.36 -4.25 -10.44
C GLY C 311 13.01 -4.49 -11.88
N ASP C 312 12.18 -3.65 -12.47
CA ASP C 312 11.77 -3.83 -13.84
C ASP C 312 11.80 -2.51 -14.55
N THR C 313 12.86 -2.28 -15.29
CA THR C 313 13.06 -1.01 -15.91
C THR C 313 12.11 -0.71 -17.05
N HIS C 314 11.44 -1.72 -17.60
CA HIS C 314 10.48 -1.45 -18.66
C HIS C 314 9.28 -0.76 -18.07
N SER C 315 8.93 -1.12 -16.86
CA SER C 315 7.85 -0.48 -16.15
C SER C 315 8.07 0.98 -15.98
N TRP C 316 9.28 1.36 -15.65
CA TRP C 316 9.58 2.75 -15.42
C TRP C 316 9.66 3.50 -16.73
N GLN C 317 9.98 2.80 -17.79
CA GLN C 317 10.04 3.43 -19.09
C GLN C 317 8.67 3.84 -19.52
N ARG C 318 7.71 2.97 -19.31
CA ARG C 318 6.33 3.20 -19.62
C ARG C 318 5.73 4.32 -18.79
N LEU C 319 6.01 4.31 -17.49
CA LEU C 319 5.52 5.35 -16.63
C LEU C 319 6.15 6.68 -16.96
N ALA C 320 7.40 6.66 -17.36
CA ALA C 320 8.08 7.87 -17.73
C ALA C 320 7.55 8.47 -19.00
N GLN C 321 7.05 7.67 -19.92
CA GLN C 321 6.48 8.17 -21.14
C GLN C 321 5.23 8.94 -20.84
N GLU C 322 4.44 8.44 -19.89
CA GLU C 322 3.23 9.11 -19.51
C GLU C 322 3.51 10.39 -18.78
N ALA C 323 4.55 10.38 -17.95
CA ALA C 323 4.97 11.59 -17.24
C ALA C 323 5.37 12.68 -18.20
N ARG C 324 5.94 12.31 -19.33
CA ARG C 324 6.31 13.27 -20.33
C ARG C 324 5.11 13.92 -20.97
N VAL C 325 4.07 13.16 -21.25
CA VAL C 325 2.86 13.70 -21.83
C VAL C 325 2.09 14.58 -20.84
N TRP C 326 1.97 14.12 -19.61
CA TRP C 326 1.21 14.85 -18.60
C TRP C 326 1.86 16.18 -18.21
N LEU C 327 3.13 16.35 -18.55
CA LEU C 327 3.81 17.62 -18.30
C LEU C 327 3.45 18.68 -19.35
N GLY C 328 2.67 18.28 -20.35
CA GLY C 328 2.21 19.19 -21.37
C GLY C 328 0.75 19.53 -21.19
N TYR C 329 0.13 18.93 -20.18
CA TYR C 329 -1.27 19.18 -19.85
C TYR C 329 -1.39 20.42 -18.97
N PRO C 330 -2.61 20.99 -18.88
CA PRO C 330 -2.85 22.16 -18.02
C PRO C 330 -2.63 21.89 -16.53
N CYS C 331 -2.46 20.63 -16.16
CA CYS C 331 -2.33 20.21 -14.76
C CYS C 331 -1.24 20.98 -14.00
N CYS C 332 -0.10 21.18 -14.64
CA CYS C 332 1.03 21.83 -13.99
C CYS C 332 1.32 23.21 -14.59
N LYS C 333 0.33 23.77 -15.28
CA LYS C 333 0.52 25.05 -15.97
C LYS C 333 -0.27 26.19 -15.34
N ASN C 334 0.34 27.38 -15.33
CA ASN C 334 -0.34 28.59 -14.89
C ASN C 334 -1.36 29.05 -15.93
N LEU C 335 -1.96 30.21 -15.70
CA LEU C 335 -2.96 30.74 -16.63
C LEU C 335 -2.33 31.16 -17.95
N ASP C 336 -1.08 31.63 -17.89
CA ASP C 336 -0.39 32.10 -19.09
C ASP C 336 0.23 30.94 -19.87
N GLY C 337 0.05 29.73 -19.37
CA GLY C 337 0.54 28.54 -20.07
C GLY C 337 1.86 28.01 -19.56
N SER C 338 2.54 28.81 -18.74
CA SER C 338 3.84 28.43 -18.21
C SER C 338 3.70 27.40 -17.09
N LEU C 339 4.70 26.54 -16.95
CA LEU C 339 4.70 25.53 -15.89
C LEU C 339 4.92 26.18 -14.53
N VAL C 340 4.24 25.65 -13.51
CA VAL C 340 4.32 26.21 -12.16
C VAL C 340 5.71 26.04 -11.55
N GLY C 341 6.46 25.07 -12.05
CA GLY C 341 7.79 24.79 -11.55
C GLY C 341 7.78 23.75 -10.44
N ALA C 342 8.77 22.86 -10.47
CA ALA C 342 8.87 21.81 -9.47
C ALA C 342 9.77 22.23 -8.32
N TRP C 343 9.61 21.56 -7.19
CA TRP C 343 10.40 21.85 -6.01
C TRP C 343 11.83 21.44 -6.25
N THR C 344 12.75 21.97 -5.49
CA THR C 344 14.13 21.57 -5.59
C THR C 344 14.56 20.72 -4.41
N MET C 345 15.22 19.60 -4.68
CA MET C 345 15.48 18.60 -3.66
C MET C 345 16.72 18.83 -2.81
N LEU C 346 16.58 18.89 -1.51
CA LEU C 346 17.73 19.03 -0.64
C LEU C 346 18.54 17.79 -0.85
N GLN C 347 19.81 17.83 -0.45
CA GLN C 347 20.71 16.70 -0.58
C GLN C 347 20.03 15.38 -0.25
MG MG D . -5.85 -0.91 -0.90
MG MG E . -5.41 -4.30 -1.57
PG APC F . -5.61 1.85 -2.68
O1G APC F . -5.38 2.03 -4.11
O2G APC F . -6.02 0.48 -2.35
O3G APC F . -6.51 2.85 -2.14
PB APC F . -3.49 0.94 -1.21
O1B APC F . -2.27 1.46 -0.60
O2B APC F . -4.46 0.21 -0.36
O3B APC F . -4.27 2.12 -1.89
PA APC F . -3.09 -1.82 -2.27
O1A APC F . -2.63 -2.51 -3.48
O2A APC F . -4.44 -2.06 -1.69
C3A APC F . -2.91 -0.07 -2.57
O5' APC F . -2.01 -2.25 -1.24
C5' APC F . -2.28 -2.37 0.13
C4' APC F . -1.07 -2.03 1.00
O4' APC F . -0.11 -3.07 0.96
C3' APC F . -0.33 -0.78 0.59
O3' APC F . -0.85 0.41 1.13
C2' APC F . 1.03 -1.03 1.15
O2' APC F . 1.06 -0.66 2.53
C1' APC F . 1.19 -2.51 0.98
N9 APC F . 1.89 -2.71 -0.29
C8 APC F . 1.35 -2.58 -1.47
N7 APC F . 2.24 -2.82 -2.43
C5 APC F . 3.38 -3.10 -1.85
C6 APC F . 4.72 -3.44 -2.31
N6 APC F . 4.97 -3.51 -3.62
N1 APC F . 5.66 -3.68 -1.40
C2 APC F . 5.39 -3.60 -0.10
N3 APC F . 4.19 -3.29 0.38
C4 APC F . 3.15 -3.03 -0.43
#